data_3BL2
#
_entry.id   3BL2
#
_cell.length_a   42.863
_cell.length_b   53.601
_cell.length_c   73.586
_cell.angle_alpha   90.000
_cell.angle_beta   107.540
_cell.angle_gamma   90.000
#
_symmetry.space_group_name_H-M   'P 1 21 1'
#
loop_
_entity.id
_entity.type
_entity.pdbx_description
1 polymer V-bcl-2
2 polymer Beclin-1
3 water water
#
loop_
_entity_poly.entity_id
_entity_poly.type
_entity_poly.pdbx_seq_one_letter_code
_entity_poly.pdbx_strand_id
1 'polypeptide(L)'
;KSGTYWATLITAFLKTVSKVEELDCVDSAVLVDVSKIITLTQEFRRHYDSVYRADYGPALKNWKRDLSKLFTSLFVDVIN
SGRIVGFFDVGRYVCEEVLCPGSWTEDHELLNDCMTHFFIENNLMNHFPLE
;
A,B
2 'polypeptide(L)' TMENLSRRLKVTGDLFDIM C,D
#
# COMPACT_ATOMS: atom_id res chain seq x y z
N LYS A 1 5.38 -26.28 17.22
CA LYS A 1 6.27 -27.09 18.10
C LYS A 1 6.30 -26.59 19.54
N SER A 2 7.25 -27.12 20.30
CA SER A 2 7.46 -26.77 21.72
C SER A 2 7.54 -25.26 21.98
N GLY A 3 6.92 -24.82 23.08
CA GLY A 3 6.97 -23.42 23.44
C GLY A 3 8.39 -23.02 23.80
N THR A 4 9.15 -23.95 24.39
CA THR A 4 10.54 -23.71 24.74
C THR A 4 11.37 -23.56 23.47
N TYR A 5 11.04 -24.37 22.46
CA TYR A 5 11.74 -24.31 21.18
C TYR A 5 11.60 -22.92 20.58
N TRP A 6 10.39 -22.38 20.59
CA TRP A 6 10.15 -21.06 20.04
C TRP A 6 10.80 -19.93 20.84
N ALA A 7 10.87 -20.09 22.16
CA ALA A 7 11.51 -19.08 23.01
C ALA A 7 13.00 -19.06 22.65
N THR A 8 13.55 -20.25 22.45
CA THR A 8 14.94 -20.44 22.09
C THR A 8 15.22 -19.87 20.70
N LEU A 9 14.29 -20.12 19.78
CA LEU A 9 14.40 -19.65 18.41
C LEU A 9 14.39 -18.13 18.32
N ILE A 10 13.46 -17.51 19.05
CA ILE A 10 13.33 -16.06 19.04
C ILE A 10 14.63 -15.40 19.51
N THR A 11 15.14 -15.82 20.65
CA THR A 11 16.38 -15.27 21.19
C THR A 11 17.52 -15.45 20.21
N ALA A 12 17.62 -16.64 19.63
CA ALA A 12 18.68 -16.95 18.67
C ALA A 12 18.57 -16.03 17.45
N PHE A 13 17.36 -15.83 16.96
CA PHE A 13 17.10 -14.95 15.83
C PHE A 13 17.52 -13.52 16.17
N LEU A 14 17.12 -13.02 17.33
CA LEU A 14 17.45 -11.66 17.73
C LEU A 14 18.94 -11.46 17.93
N LYS A 15 19.62 -12.46 18.47
CA LYS A 15 21.06 -12.36 18.71
C LYS A 15 21.82 -12.35 17.40
N THR A 16 21.32 -13.11 16.43
CA THR A 16 21.93 -13.19 15.11
C THR A 16 21.81 -11.87 14.35
N VAL A 17 20.62 -11.27 14.36
CA VAL A 17 20.44 -10.01 13.66
C VAL A 17 21.10 -8.86 14.41
N SER A 18 21.41 -9.09 15.68
CA SER A 18 22.06 -8.07 16.52
C SER A 18 23.58 -8.17 16.40
N LYS A 19 24.02 -9.17 15.62
CA LYS A 19 25.43 -9.41 15.37
C LYS A 19 26.20 -9.62 16.66
N VAL A 20 25.63 -10.41 17.57
CA VAL A 20 26.26 -10.69 18.85
C VAL A 20 27.47 -11.62 18.67
N GLU A 21 28.66 -11.08 18.95
CA GLU A 21 29.92 -11.80 18.83
C GLU A 21 29.94 -13.19 19.47
N GLU A 22 29.38 -13.29 20.67
CA GLU A 22 29.36 -14.54 21.40
C GLU A 22 28.29 -15.48 20.85
N LEU A 23 28.73 -16.66 20.41
CA LEU A 23 27.85 -17.67 19.84
C LEU A 23 27.21 -18.58 20.90
N ASP A 24 25.91 -18.41 21.14
CA ASP A 24 25.20 -19.22 22.11
C ASP A 24 24.69 -20.48 21.42
N CYS A 25 25.49 -21.54 21.46
CA CYS A 25 25.17 -22.82 20.83
C CYS A 25 23.71 -23.26 20.89
N VAL A 26 23.15 -23.58 19.73
CA VAL A 26 21.78 -24.04 19.63
C VAL A 26 21.76 -25.19 18.63
N ASP A 27 20.68 -25.97 18.64
CA ASP A 27 20.57 -27.09 17.72
C ASP A 27 20.63 -26.59 16.29
N SER A 28 20.92 -27.49 15.36
CA SER A 28 20.99 -27.14 13.97
C SER A 28 19.60 -26.73 13.48
N ALA A 29 18.56 -27.35 14.04
CA ALA A 29 17.18 -27.05 13.66
C ALA A 29 16.86 -25.59 13.92
N VAL A 30 17.27 -25.09 15.07
CA VAL A 30 17.05 -23.71 15.46
C VAL A 30 17.75 -22.73 14.51
N LEU A 31 19.01 -23.01 14.17
CA LEU A 31 19.77 -22.15 13.27
C LEU A 31 19.10 -22.10 11.91
N VAL A 32 18.72 -23.27 11.40
CA VAL A 32 18.04 -23.39 10.11
C VAL A 32 16.80 -22.50 10.07
N ASP A 33 16.02 -22.50 11.14
CA ASP A 33 14.83 -21.67 11.21
C ASP A 33 15.19 -20.18 11.34
N VAL A 34 16.27 -19.88 12.06
CA VAL A 34 16.69 -18.49 12.18
C VAL A 34 17.01 -17.99 10.78
N SER A 35 17.70 -18.83 10.00
CA SER A 35 18.08 -18.47 8.63
C SER A 35 16.86 -18.21 7.76
N LYS A 36 15.88 -19.09 7.85
CA LYS A 36 14.66 -18.96 7.09
C LYS A 36 13.92 -17.68 7.45
N ILE A 37 13.89 -17.36 8.74
CA ILE A 37 13.19 -16.16 9.20
C ILE A 37 13.87 -14.88 8.75
N ILE A 38 15.20 -14.86 8.75
CA ILE A 38 15.91 -13.67 8.33
C ILE A 38 15.61 -13.39 6.86
N THR A 39 15.67 -14.46 6.05
CA THR A 39 15.41 -14.33 4.62
C THR A 39 13.99 -13.82 4.38
N LEU A 40 13.02 -14.40 5.07
CA LEU A 40 11.64 -13.97 4.93
C LEU A 40 11.47 -12.49 5.25
N THR A 41 12.00 -12.05 6.39
CA THR A 41 11.87 -10.64 6.79
C THR A 41 12.47 -9.68 5.76
N GLN A 42 13.46 -10.13 5.00
CA GLN A 42 14.06 -9.27 4.00
C GLN A 42 13.18 -9.20 2.77
N GLU A 43 12.49 -10.30 2.49
CA GLU A 43 11.57 -10.33 1.36
C GLU A 43 10.40 -9.41 1.78
N PHE A 44 9.94 -9.59 3.01
CA PHE A 44 8.85 -8.76 3.54
C PHE A 44 9.19 -7.28 3.44
N ARG A 45 10.38 -6.89 3.90
CA ARG A 45 10.79 -5.48 3.85
C ARG A 45 10.80 -4.95 2.44
N ARG A 46 11.16 -5.82 1.51
CA ARG A 46 11.24 -5.49 0.09
C ARG A 46 9.85 -5.07 -0.39
N HIS A 47 8.82 -5.79 0.06
CA HIS A 47 7.46 -5.46 -0.33
C HIS A 47 7.05 -4.16 0.35
N TYR A 48 7.42 -4.01 1.61
CA TYR A 48 7.06 -2.82 2.35
C TYR A 48 7.60 -1.57 1.68
N ASP A 49 8.83 -1.65 1.15
CA ASP A 49 9.43 -0.51 0.50
C ASP A 49 8.85 -0.21 -0.87
N SER A 50 8.25 -1.21 -1.51
CA SER A 50 7.64 -1.03 -2.82
C SER A 50 6.31 -0.29 -2.70
N VAL A 51 5.58 -0.60 -1.64
CA VAL A 51 4.28 0.01 -1.38
C VAL A 51 4.35 1.35 -0.65
N TYR A 52 5.19 1.43 0.37
CA TYR A 52 5.31 2.65 1.17
C TYR A 52 6.68 3.31 1.11
N ARG A 53 6.70 4.62 1.34
CA ARG A 53 7.95 5.38 1.33
C ARG A 53 8.57 5.39 2.72
N ALA A 54 7.71 5.50 3.74
CA ALA A 54 8.15 5.56 5.14
C ALA A 54 8.90 4.34 5.66
N ASP A 55 9.78 4.62 6.61
CA ASP A 55 10.60 3.64 7.27
C ASP A 55 9.87 3.31 8.56
N TYR A 56 10.32 2.30 9.30
CA TYR A 56 9.68 1.98 10.57
C TYR A 56 10.17 2.97 11.62
N GLY A 57 11.32 3.56 11.35
CA GLY A 57 11.95 4.51 12.27
C GLY A 57 11.07 5.42 13.11
N PRO A 58 10.33 6.33 12.48
CA PRO A 58 9.44 7.27 13.17
C PRO A 58 8.55 6.64 14.25
N ALA A 59 7.78 5.63 13.86
CA ALA A 59 6.86 4.96 14.78
C ALA A 59 7.53 4.14 15.88
N LEU A 60 8.77 3.69 15.64
CA LEU A 60 9.47 2.88 16.61
C LEU A 60 10.42 3.65 17.53
N LYS A 61 10.22 4.95 17.66
CA LYS A 61 11.09 5.73 18.53
C LYS A 61 10.68 5.52 19.98
N ASN A 62 9.46 5.06 20.18
CA ASN A 62 8.94 4.79 21.52
C ASN A 62 8.64 3.31 21.66
N TRP A 63 9.43 2.49 20.97
CA TRP A 63 9.21 1.06 21.00
C TRP A 63 9.23 0.45 22.41
N LYS A 64 10.16 0.91 23.24
CA LYS A 64 10.27 0.38 24.60
C LYS A 64 8.99 0.51 25.41
N ARG A 65 8.07 1.35 24.95
CA ARG A 65 6.81 1.54 25.66
C ARG A 65 5.54 1.35 24.80
N ASP A 66 5.70 1.07 23.51
CA ASP A 66 4.55 0.87 22.65
C ASP A 66 4.63 -0.37 21.78
N LEU A 67 5.76 -1.06 21.81
CA LEU A 67 5.94 -2.25 20.99
C LEU A 67 4.80 -3.23 21.20
N SER A 68 4.40 -3.41 22.45
CA SER A 68 3.31 -4.33 22.77
C SER A 68 1.99 -3.91 22.16
N LYS A 69 1.75 -2.61 22.11
CA LYS A 69 0.53 -2.09 21.51
C LYS A 69 0.55 -2.43 20.03
N LEU A 70 1.71 -2.27 19.41
CA LEU A 70 1.90 -2.56 17.99
C LEU A 70 1.63 -4.03 17.66
N PHE A 71 2.15 -4.94 18.48
CA PHE A 71 1.95 -6.37 18.25
C PHE A 71 0.50 -6.81 18.44
N THR A 72 -0.18 -6.24 19.43
CA THR A 72 -1.58 -6.58 19.66
C THR A 72 -2.38 -6.12 18.43
N SER A 73 -2.16 -4.87 18.05
CA SER A 73 -2.84 -4.29 16.90
C SER A 73 -2.51 -5.01 15.57
N LEU A 74 -1.31 -5.57 15.48
CA LEU A 74 -0.91 -6.28 14.27
C LEU A 74 -1.75 -7.54 14.07
N PHE A 75 -2.19 -8.13 15.17
CA PHE A 75 -2.98 -9.35 15.11
C PHE A 75 -4.41 -9.20 15.65
N VAL A 76 -4.88 -7.96 15.75
CA VAL A 76 -6.22 -7.69 16.27
C VAL A 76 -7.36 -8.38 15.52
N ASP A 77 -7.34 -8.34 14.19
CA ASP A 77 -8.42 -8.95 13.41
C ASP A 77 -8.15 -10.36 12.87
N VAL A 78 -6.87 -10.74 12.78
CA VAL A 78 -6.50 -12.06 12.28
C VAL A 78 -5.00 -12.33 12.41
N ILE A 79 -4.61 -13.56 12.08
CA ILE A 79 -3.22 -13.97 12.13
C ILE A 79 -2.91 -14.81 10.91
N ASN A 80 -1.84 -14.43 10.22
CA ASN A 80 -1.38 -15.17 9.05
C ASN A 80 0.14 -15.11 9.03
N SER A 81 0.74 -15.94 8.19
CA SER A 81 2.19 -16.01 8.04
C SER A 81 2.82 -14.68 7.73
N GLY A 82 2.18 -13.92 6.85
CA GLY A 82 2.70 -12.63 6.44
C GLY A 82 2.83 -11.63 7.55
N ARG A 83 1.86 -11.58 8.44
CA ARG A 83 1.92 -10.64 9.55
C ARG A 83 2.94 -11.09 10.57
N ILE A 84 3.14 -12.41 10.67
CA ILE A 84 4.09 -12.95 11.60
C ILE A 84 5.50 -12.61 11.12
N VAL A 85 5.72 -12.63 9.81
CA VAL A 85 7.02 -12.29 9.25
C VAL A 85 7.27 -10.80 9.50
N GLY A 86 6.21 -9.99 9.40
CA GLY A 86 6.35 -8.57 9.64
C GLY A 86 6.72 -8.36 11.11
N PHE A 87 6.21 -9.25 11.95
CA PHE A 87 6.45 -9.26 13.38
C PHE A 87 7.95 -9.41 13.63
N PHE A 88 8.55 -10.37 12.95
CA PHE A 88 9.99 -10.58 13.12
C PHE A 88 10.77 -9.48 12.44
N ASP A 89 10.22 -8.91 11.38
CA ASP A 89 10.91 -7.84 10.68
C ASP A 89 11.01 -6.59 11.56
N VAL A 90 9.99 -6.36 12.38
CA VAL A 90 10.00 -5.23 13.29
C VAL A 90 11.14 -5.47 14.28
N GLY A 91 11.32 -6.74 14.64
CA GLY A 91 12.38 -7.10 15.56
C GLY A 91 13.74 -6.91 14.94
N ARG A 92 13.88 -7.34 13.69
CA ARG A 92 15.14 -7.21 12.99
C ARG A 92 15.48 -5.73 12.85
N TYR A 93 14.47 -4.91 12.61
CA TYR A 93 14.69 -3.48 12.46
C TYR A 93 15.24 -2.87 13.73
N VAL A 94 14.61 -3.18 14.86
CA VAL A 94 15.04 -2.65 16.15
C VAL A 94 16.51 -3.00 16.44
N CYS A 95 16.85 -4.27 16.21
CA CYS A 95 18.21 -4.74 16.44
C CYS A 95 19.22 -4.13 15.46
N GLU A 96 18.80 -3.96 14.21
CA GLU A 96 19.69 -3.41 13.18
C GLU A 96 19.74 -1.89 13.02
N GLU A 97 18.63 -1.21 13.24
CA GLU A 97 18.59 0.23 13.07
C GLU A 97 18.58 1.02 14.37
N VAL A 98 17.74 0.63 15.31
CA VAL A 98 17.65 1.34 16.56
C VAL A 98 18.80 0.99 17.51
N LEU A 99 18.81 -0.25 18.01
CA LEU A 99 19.86 -0.69 18.92
C LEU A 99 21.21 -0.82 18.22
N CYS A 100 22.29 -0.87 18.99
CA CYS A 100 23.62 -0.98 18.43
C CYS A 100 24.01 -2.44 18.17
N PRO A 101 24.47 -2.75 16.95
CA PRO A 101 24.86 -4.09 16.56
C PRO A 101 26.22 -4.58 17.07
N GLY A 102 26.23 -5.75 17.73
CA GLY A 102 27.46 -6.30 18.25
C GLY A 102 27.42 -6.58 19.74
N SER A 103 26.42 -6.00 20.41
CA SER A 103 26.27 -6.18 21.86
C SER A 103 24.83 -6.59 22.19
N TRP A 104 24.67 -7.40 23.22
CA TRP A 104 23.35 -7.87 23.68
C TRP A 104 23.09 -7.19 25.01
N THR A 105 22.32 -6.10 24.96
CA THR A 105 22.03 -5.31 26.15
C THR A 105 20.70 -5.59 26.81
N GLU A 106 20.40 -4.82 27.86
CA GLU A 106 19.13 -4.97 28.58
C GLU A 106 17.97 -4.62 27.67
N ASP A 107 18.20 -3.68 26.76
CA ASP A 107 17.15 -3.29 25.82
C ASP A 107 16.83 -4.47 24.89
N HIS A 108 17.86 -5.24 24.54
CA HIS A 108 17.67 -6.41 23.71
C HIS A 108 16.79 -7.41 24.45
N GLU A 109 17.11 -7.62 25.73
CA GLU A 109 16.37 -8.55 26.57
C GLU A 109 14.92 -8.09 26.68
N LEU A 110 14.72 -6.78 26.69
CA LEU A 110 13.38 -6.19 26.76
C LEU A 110 12.67 -6.56 25.46
N LEU A 111 13.35 -6.40 24.34
CA LEU A 111 12.78 -6.73 23.04
C LEU A 111 12.48 -8.23 23.01
N ASN A 112 13.47 -9.02 23.39
CA ASN A 112 13.34 -10.48 23.39
C ASN A 112 12.12 -10.96 24.17
N ASP A 113 11.96 -10.45 25.39
CA ASP A 113 10.83 -10.86 26.22
C ASP A 113 9.50 -10.40 25.64
N CYS A 114 9.47 -9.18 25.12
CA CYS A 114 8.25 -8.66 24.54
C CYS A 114 7.79 -9.56 23.40
N MET A 115 8.72 -9.85 22.50
CA MET A 115 8.40 -10.70 21.38
C MET A 115 8.08 -12.13 21.82
N THR A 116 8.88 -12.69 22.71
CA THR A 116 8.65 -14.07 23.17
C THR A 116 7.29 -14.24 23.85
N HIS A 117 6.94 -13.33 24.76
CA HIS A 117 5.66 -13.42 25.46
C HIS A 117 4.47 -13.31 24.49
N PHE A 118 4.49 -12.32 23.61
CA PHE A 118 3.39 -12.13 22.68
C PHE A 118 3.21 -13.30 21.72
N PHE A 119 4.33 -13.82 21.22
CA PHE A 119 4.34 -14.94 20.28
C PHE A 119 3.63 -16.15 20.90
N ILE A 120 4.08 -16.53 22.09
CA ILE A 120 3.54 -17.68 22.81
C ILE A 120 2.11 -17.46 23.31
N GLU A 121 1.85 -16.27 23.83
CA GLU A 121 0.52 -15.96 24.35
C GLU A 121 -0.51 -16.06 23.24
N ASN A 122 -0.14 -15.57 22.06
CA ASN A 122 -1.06 -15.57 20.93
C ASN A 122 -1.04 -16.81 20.04
N ASN A 123 -0.36 -17.87 20.48
CA ASN A 123 -0.31 -19.10 19.71
C ASN A 123 0.15 -18.88 18.28
N LEU A 124 1.16 -18.05 18.09
CA LEU A 124 1.66 -17.76 16.75
C LEU A 124 2.34 -18.93 16.05
N MET A 125 2.86 -19.89 16.80
CA MET A 125 3.50 -21.02 16.15
C MET A 125 2.46 -21.84 15.37
N ASN A 126 1.19 -21.64 15.70
CA ASN A 126 0.10 -22.36 15.04
C ASN A 126 -0.21 -21.84 13.64
N HIS A 127 0.22 -20.60 13.36
CA HIS A 127 -0.01 -19.99 12.05
C HIS A 127 1.31 -19.64 11.38
N PHE A 128 2.40 -20.27 11.82
CA PHE A 128 3.71 -19.98 11.24
C PHE A 128 4.48 -21.25 10.93
N PRO A 129 4.10 -21.93 9.84
CA PRO A 129 4.73 -23.17 9.38
C PRO A 129 5.99 -22.89 8.57
N LEU A 130 7.15 -23.12 9.17
CA LEU A 130 8.39 -22.92 8.44
C LEU A 130 8.59 -24.11 7.50
N GLU A 131 7.49 -24.84 7.29
CA GLU A 131 7.48 -26.00 6.40
C GLU A 131 8.61 -26.96 6.73
N LYS B 1 -14.13 1.68 -30.98
CA LYS B 1 -14.70 3.01 -30.57
C LYS B 1 -13.79 4.15 -31.01
N SER B 2 -14.40 5.18 -31.55
CA SER B 2 -13.67 6.34 -32.06
C SER B 2 -13.06 7.30 -31.05
N GLY B 3 -12.10 8.10 -31.52
CA GLY B 3 -11.51 9.10 -30.67
C GLY B 3 -12.63 10.04 -30.23
N THR B 4 -13.56 10.31 -31.14
CA THR B 4 -14.70 11.18 -30.84
C THR B 4 -15.61 10.51 -29.82
N TYR B 5 -15.72 9.19 -29.90
CA TYR B 5 -16.53 8.48 -28.92
C TYR B 5 -15.93 8.64 -27.52
N TRP B 6 -14.60 8.48 -27.41
CA TRP B 6 -13.93 8.61 -26.12
C TRP B 6 -13.96 10.02 -25.59
N ALA B 7 -13.86 10.99 -26.48
CA ALA B 7 -13.87 12.40 -26.09
C ALA B 7 -15.22 12.73 -25.46
N THR B 8 -16.25 12.04 -25.96
CA THR B 8 -17.62 12.22 -25.49
C THR B 8 -17.82 11.50 -24.16
N LEU B 9 -17.30 10.27 -24.10
CA LEU B 9 -17.39 9.47 -22.88
C LEU B 9 -16.76 10.20 -21.70
N ILE B 10 -15.60 10.82 -21.93
CA ILE B 10 -14.90 11.53 -20.88
C ILE B 10 -15.70 12.72 -20.36
N THR B 11 -16.20 13.56 -21.27
CA THR B 11 -16.97 14.71 -20.84
C THR B 11 -18.24 14.25 -20.13
N ALA B 12 -18.84 13.17 -20.61
CA ALA B 12 -20.07 12.63 -20.01
C ALA B 12 -19.80 12.08 -18.62
N PHE B 13 -18.64 11.43 -18.45
CA PHE B 13 -18.27 10.86 -17.15
C PHE B 13 -18.07 12.01 -16.15
N LEU B 14 -17.37 13.05 -16.59
CA LEU B 14 -17.09 14.21 -15.75
C LEU B 14 -18.39 14.89 -15.31
N LYS B 15 -19.26 15.20 -16.26
CA LYS B 15 -20.53 15.85 -15.94
C LYS B 15 -21.35 15.02 -14.95
N THR B 16 -21.40 13.72 -15.17
CA THR B 16 -22.12 12.84 -14.28
C THR B 16 -21.63 12.96 -12.83
N VAL B 17 -20.31 12.86 -12.62
CA VAL B 17 -19.79 12.97 -11.25
C VAL B 17 -19.74 14.41 -10.73
N SER B 18 -20.00 15.37 -11.62
CA SER B 18 -20.00 16.78 -11.25
C SER B 18 -21.42 17.18 -10.93
N LYS B 19 -22.35 16.24 -11.10
CA LYS B 19 -23.76 16.50 -10.84
C LYS B 19 -24.32 17.51 -11.85
N VAL B 20 -23.71 17.59 -13.02
CA VAL B 20 -24.16 18.49 -14.07
C VAL B 20 -25.20 17.71 -14.90
N GLU B 21 -26.46 17.91 -14.57
CA GLU B 21 -27.57 17.24 -15.24
C GLU B 21 -27.92 17.82 -16.61
N GLU B 22 -26.97 17.73 -17.53
CA GLU B 22 -27.15 18.25 -18.88
C GLU B 22 -26.51 17.28 -19.86
N LEU B 23 -27.31 16.38 -20.43
CA LEU B 23 -26.81 15.39 -21.37
C LEU B 23 -27.41 15.52 -22.77
N ASP B 24 -26.53 15.58 -23.77
CA ASP B 24 -26.92 15.71 -25.17
C ASP B 24 -27.43 14.38 -25.70
N CYS B 25 -28.01 14.40 -26.90
CA CYS B 25 -28.49 13.17 -27.48
C CYS B 25 -27.28 12.31 -27.86
N VAL B 26 -26.13 12.96 -28.00
CA VAL B 26 -24.90 12.26 -28.34
C VAL B 26 -24.36 11.52 -27.11
N ASP B 27 -24.51 12.11 -25.93
CA ASP B 27 -24.05 11.52 -24.69
C ASP B 27 -24.68 10.14 -24.47
N SER B 28 -25.88 9.96 -24.99
CA SER B 28 -26.62 8.71 -24.86
C SER B 28 -25.82 7.45 -25.17
N ALA B 29 -24.98 7.52 -26.20
CA ALA B 29 -24.16 6.39 -26.63
C ALA B 29 -23.00 5.99 -25.69
N VAL B 30 -22.60 6.89 -24.80
CA VAL B 30 -21.50 6.58 -23.90
C VAL B 30 -21.94 6.33 -22.47
N LEU B 31 -23.26 6.33 -22.25
CA LEU B 31 -23.80 6.13 -20.90
C LEU B 31 -23.44 4.83 -20.19
N VAL B 32 -23.45 3.72 -20.91
CA VAL B 32 -23.11 2.45 -20.29
C VAL B 32 -21.65 2.48 -19.81
N ASP B 33 -20.75 2.98 -20.67
CA ASP B 33 -19.34 3.07 -20.30
C ASP B 33 -19.10 4.08 -19.18
N VAL B 34 -19.95 5.11 -19.10
CA VAL B 34 -19.82 6.10 -18.04
C VAL B 34 -20.04 5.36 -16.71
N SER B 35 -21.11 4.58 -16.63
CA SER B 35 -21.40 3.84 -15.41
C SER B 35 -20.33 2.82 -15.05
N LYS B 36 -19.74 2.19 -16.06
CA LYS B 36 -18.69 1.20 -15.81
C LYS B 36 -17.43 1.83 -15.20
N ILE B 37 -17.11 3.04 -15.65
CA ILE B 37 -15.94 3.75 -15.16
C ILE B 37 -16.15 4.29 -13.75
N ILE B 38 -17.41 4.57 -13.39
CA ILE B 38 -17.71 5.04 -12.06
C ILE B 38 -17.57 3.85 -11.10
N THR B 39 -18.09 2.70 -11.53
CA THR B 39 -18.04 1.46 -10.75
C THR B 39 -16.58 1.07 -10.53
N LEU B 40 -15.78 1.15 -11.58
CA LEU B 40 -14.38 0.80 -11.49
C LEU B 40 -13.60 1.76 -10.60
N THR B 41 -13.83 3.05 -10.77
CA THR B 41 -13.11 4.05 -9.96
C THR B 41 -13.47 3.90 -8.49
N GLN B 42 -14.69 3.47 -8.22
CA GLN B 42 -15.14 3.28 -6.84
C GLN B 42 -14.42 2.07 -6.24
N GLU B 43 -14.25 1.03 -7.07
CA GLU B 43 -13.56 -0.18 -6.66
C GLU B 43 -12.09 0.18 -6.43
N PHE B 44 -11.55 0.99 -7.33
CA PHE B 44 -10.16 1.42 -7.24
C PHE B 44 -9.95 2.23 -5.97
N ARG B 45 -10.86 3.17 -5.70
CA ARG B 45 -10.75 4.00 -4.52
C ARG B 45 -10.73 3.17 -3.24
N ARG B 46 -11.45 2.04 -3.24
CA ARG B 46 -11.47 1.18 -2.06
C ARG B 46 -10.14 0.47 -1.86
N HIS B 47 -9.43 0.19 -2.94
CA HIS B 47 -8.13 -0.47 -2.81
C HIS B 47 -7.10 0.53 -2.33
N TYR B 48 -7.19 1.76 -2.82
CA TYR B 48 -6.26 2.82 -2.43
C TYR B 48 -6.46 3.21 -0.95
N ASP B 49 -7.72 3.34 -0.52
CA ASP B 49 -7.99 3.69 0.87
C ASP B 49 -7.53 2.53 1.75
N SER B 50 -7.69 1.33 1.22
CA SER B 50 -7.30 0.12 1.91
C SER B 50 -5.81 0.16 2.23
N VAL B 51 -5.00 0.59 1.27
CA VAL B 51 -3.55 0.63 1.43
C VAL B 51 -2.97 1.89 2.07
N TYR B 52 -3.49 3.06 1.71
CA TYR B 52 -2.98 4.32 2.26
C TYR B 52 -4.03 5.05 3.07
N ARG B 53 -3.58 5.74 4.12
CA ARG B 53 -4.48 6.47 4.99
C ARG B 53 -4.98 7.75 4.33
N ALA B 54 -4.05 8.61 3.92
CA ALA B 54 -4.38 9.87 3.29
C ALA B 54 -5.02 9.68 1.92
N ASP B 55 -5.70 10.73 1.45
CA ASP B 55 -6.34 10.70 0.14
C ASP B 55 -5.59 11.62 -0.82
N TYR B 56 -6.15 11.79 -2.02
CA TYR B 56 -5.55 12.62 -3.07
C TYR B 56 -5.47 14.10 -2.72
N GLY B 57 -6.42 14.58 -1.92
CA GLY B 57 -6.47 15.99 -1.53
C GLY B 57 -5.20 16.81 -1.53
N PRO B 58 -4.26 16.56 -0.60
CA PRO B 58 -3.01 17.30 -0.50
C PRO B 58 -2.19 17.45 -1.79
N ALA B 59 -2.03 16.36 -2.54
CA ALA B 59 -1.25 16.37 -3.78
C ALA B 59 -1.91 17.07 -4.97
N LEU B 60 -3.21 17.28 -4.89
CA LEU B 60 -3.96 17.91 -5.99
C LEU B 60 -4.29 19.37 -5.76
N LYS B 61 -3.77 19.96 -4.69
CA LYS B 61 -4.06 21.36 -4.40
C LYS B 61 -3.67 22.25 -5.58
N ASN B 62 -2.72 21.78 -6.38
CA ASN B 62 -2.28 22.51 -7.56
C ASN B 62 -2.56 21.69 -8.80
N TRP B 63 -3.73 21.08 -8.86
CA TRP B 63 -4.10 20.25 -10.00
C TRP B 63 -4.15 21.03 -11.31
N LYS B 64 -4.70 22.24 -11.28
CA LYS B 64 -4.78 23.03 -12.49
C LYS B 64 -3.43 23.19 -13.17
N ARG B 65 -2.37 23.22 -12.36
CA ARG B 65 -1.02 23.40 -12.88
C ARG B 65 -0.20 22.10 -12.96
N ASP B 66 -0.41 21.21 -12.01
CA ASP B 66 0.34 19.95 -11.95
C ASP B 66 -0.28 18.74 -12.62
N LEU B 67 -1.59 18.77 -12.85
CA LEU B 67 -2.30 17.63 -13.44
C LEU B 67 -1.57 16.93 -14.58
N SER B 68 -1.18 17.70 -15.59
CA SER B 68 -0.48 17.14 -16.74
C SER B 68 0.76 16.37 -16.31
N LYS B 69 1.48 16.93 -15.35
CA LYS B 69 2.70 16.31 -14.82
C LYS B 69 2.41 14.95 -14.18
N LEU B 70 1.31 14.87 -13.42
CA LEU B 70 0.93 13.62 -12.76
C LEU B 70 0.53 12.54 -13.77
N PHE B 71 -0.30 12.89 -14.74
CA PHE B 71 -0.73 11.91 -15.74
C PHE B 71 0.47 11.34 -16.51
N THR B 72 1.40 12.21 -16.89
CA THR B 72 2.60 11.81 -17.61
C THR B 72 3.40 10.84 -16.75
N SER B 73 3.52 11.18 -15.47
CA SER B 73 4.26 10.37 -14.50
C SER B 73 3.59 9.01 -14.26
N LEU B 74 2.26 9.01 -14.29
CA LEU B 74 1.45 7.80 -14.07
C LEU B 74 1.68 6.69 -15.09
N PHE B 75 1.90 7.07 -16.34
CA PHE B 75 2.10 6.10 -17.41
C PHE B 75 3.48 6.12 -18.04
N VAL B 76 4.45 6.76 -17.40
CA VAL B 76 5.79 6.84 -17.96
C VAL B 76 6.47 5.47 -18.15
N ASP B 77 6.37 4.61 -17.14
CA ASP B 77 6.98 3.28 -17.18
C ASP B 77 6.10 2.18 -17.79
N VAL B 78 4.78 2.26 -17.58
CA VAL B 78 3.86 1.29 -18.13
C VAL B 78 2.42 1.78 -18.17
N ILE B 79 1.62 1.17 -19.04
CA ILE B 79 0.21 1.50 -19.20
C ILE B 79 -0.63 0.24 -19.08
N ASN B 80 -1.44 0.15 -18.03
CA ASN B 80 -2.31 -0.99 -17.84
C ASN B 80 -3.69 -0.47 -17.48
N SER B 81 -4.69 -1.35 -17.37
CA SER B 81 -6.05 -0.95 -17.04
C SER B 81 -6.17 -0.28 -15.66
N GLY B 82 -5.54 -0.89 -14.66
CA GLY B 82 -5.60 -0.36 -13.30
C GLY B 82 -5.15 1.08 -13.17
N ARG B 83 -4.16 1.46 -13.97
CA ARG B 83 -3.64 2.82 -13.94
C ARG B 83 -4.56 3.76 -14.71
N ILE B 84 -5.29 3.21 -15.68
CA ILE B 84 -6.22 4.01 -16.46
C ILE B 84 -7.41 4.29 -15.55
N VAL B 85 -7.76 3.31 -14.71
CA VAL B 85 -8.86 3.49 -13.77
C VAL B 85 -8.41 4.55 -12.76
N GLY B 86 -7.13 4.53 -12.40
CA GLY B 86 -6.61 5.50 -11.46
C GLY B 86 -6.67 6.88 -12.08
N PHE B 87 -6.41 6.91 -13.38
CA PHE B 87 -6.44 8.13 -14.17
C PHE B 87 -7.83 8.77 -14.02
N PHE B 88 -8.86 7.97 -14.25
CA PHE B 88 -10.25 8.41 -14.14
C PHE B 88 -10.67 8.72 -12.71
N ASP B 89 -10.20 7.93 -11.75
CA ASP B 89 -10.58 8.17 -10.36
C ASP B 89 -10.07 9.52 -9.86
N VAL B 90 -8.92 9.95 -10.38
CA VAL B 90 -8.35 11.22 -10.00
C VAL B 90 -9.22 12.32 -10.57
N GLY B 91 -9.77 12.08 -11.76
CA GLY B 91 -10.64 13.06 -12.36
C GLY B 91 -11.91 13.12 -11.53
N ARG B 92 -12.36 11.97 -11.05
CA ARG B 92 -13.55 11.90 -10.24
C ARG B 92 -13.31 12.62 -8.92
N TYR B 93 -12.14 12.41 -8.32
CA TYR B 93 -11.82 13.07 -7.07
C TYR B 93 -11.96 14.60 -7.22
N VAL B 94 -11.37 15.16 -8.28
CA VAL B 94 -11.45 16.59 -8.51
C VAL B 94 -12.89 17.09 -8.63
N CYS B 95 -13.72 16.35 -9.37
CA CYS B 95 -15.11 16.72 -9.56
C CYS B 95 -15.98 16.62 -8.30
N GLU B 96 -15.74 15.61 -7.49
CA GLU B 96 -16.52 15.40 -6.29
C GLU B 96 -15.94 16.01 -5.01
N GLU B 97 -14.61 16.04 -4.91
CA GLU B 97 -13.96 16.55 -3.69
C GLU B 97 -13.35 17.94 -3.77
N VAL B 98 -13.04 18.40 -4.98
CA VAL B 98 -12.41 19.72 -5.13
C VAL B 98 -13.36 20.77 -5.69
N LEU B 99 -13.97 20.48 -6.84
CA LEU B 99 -14.90 21.42 -7.45
C LEU B 99 -16.30 21.18 -6.91
N CYS B 100 -17.15 22.19 -7.04
CA CYS B 100 -18.54 22.10 -6.57
C CYS B 100 -19.41 21.39 -7.60
N PRO B 101 -20.55 20.81 -7.15
CA PRO B 101 -21.48 20.09 -8.03
C PRO B 101 -22.57 20.99 -8.61
N GLY B 102 -23.18 20.54 -9.70
CA GLY B 102 -24.27 21.30 -10.31
C GLY B 102 -23.99 22.04 -11.60
N SER B 103 -22.84 22.71 -11.68
CA SER B 103 -22.51 23.48 -12.87
C SER B 103 -21.19 23.09 -13.53
N TRP B 104 -21.13 23.28 -14.84
CA TRP B 104 -19.96 22.97 -15.64
C TRP B 104 -19.16 24.26 -15.87
N THR B 105 -18.20 24.51 -14.99
CA THR B 105 -17.39 25.71 -15.06
C THR B 105 -16.16 25.63 -15.97
N GLU B 106 -15.38 26.69 -16.00
CA GLU B 106 -14.17 26.72 -16.83
C GLU B 106 -13.16 25.77 -16.24
N ASP B 107 -13.28 25.52 -14.94
CA ASP B 107 -12.38 24.59 -14.28
C ASP B 107 -12.71 23.17 -14.72
N HIS B 108 -14.00 22.90 -14.95
CA HIS B 108 -14.41 21.59 -15.41
C HIS B 108 -13.91 21.38 -16.83
N GLU B 109 -13.87 22.46 -17.60
CA GLU B 109 -13.40 22.42 -18.99
C GLU B 109 -11.89 22.17 -19.08
N LEU B 110 -11.13 22.70 -18.13
CA LEU B 110 -9.69 22.49 -18.12
C LEU B 110 -9.43 21.02 -17.85
N LEU B 111 -10.07 20.52 -16.79
CA LEU B 111 -9.94 19.12 -16.39
C LEU B 111 -10.24 18.26 -17.59
N ASN B 112 -11.41 18.47 -18.17
CA ASN B 112 -11.87 17.74 -19.33
C ASN B 112 -10.87 17.77 -20.49
N ASP B 113 -10.35 18.95 -20.81
CA ASP B 113 -9.38 19.07 -21.89
C ASP B 113 -8.10 18.29 -21.57
N CYS B 114 -7.59 18.50 -20.36
CA CYS B 114 -6.38 17.84 -19.90
C CYS B 114 -6.52 16.31 -20.02
N MET B 115 -7.59 15.76 -19.47
CA MET B 115 -7.80 14.32 -19.53
C MET B 115 -8.01 13.80 -20.95
N THR B 116 -8.81 14.51 -21.74
CA THR B 116 -9.06 14.11 -23.11
C THR B 116 -7.78 14.10 -23.95
N HIS B 117 -7.00 15.18 -23.90
CA HIS B 117 -5.77 15.23 -24.68
C HIS B 117 -4.88 14.07 -24.31
N PHE B 118 -4.66 13.93 -23.00
CA PHE B 118 -3.81 12.88 -22.49
C PHE B 118 -4.29 11.48 -22.87
N PHE B 119 -5.59 11.26 -22.74
CA PHE B 119 -6.18 9.96 -23.05
C PHE B 119 -5.93 9.57 -24.50
N ILE B 120 -6.25 10.46 -25.42
CA ILE B 120 -6.08 10.19 -26.84
C ILE B 120 -4.63 10.14 -27.35
N GLU B 121 -3.84 11.15 -27.00
CA GLU B 121 -2.45 11.21 -27.44
C GLU B 121 -1.63 10.03 -26.91
N ASN B 122 -2.12 9.40 -25.84
CA ASN B 122 -1.43 8.27 -25.25
C ASN B 122 -2.07 6.93 -25.59
N ASN B 123 -3.02 6.97 -26.52
CA ASN B 123 -3.71 5.76 -26.98
C ASN B 123 -4.21 4.90 -25.83
N LEU B 124 -4.78 5.54 -24.81
CA LEU B 124 -5.25 4.81 -23.63
C LEU B 124 -6.38 3.83 -23.86
N MET B 125 -7.12 3.98 -24.97
CA MET B 125 -8.21 3.05 -25.26
C MET B 125 -7.72 1.62 -25.51
N ASN B 126 -6.55 1.50 -26.12
CA ASN B 126 -5.96 0.20 -26.44
C ASN B 126 -5.83 -0.68 -25.20
N HIS B 127 -5.63 -0.07 -24.04
CA HIS B 127 -5.49 -0.83 -22.81
C HIS B 127 -6.70 -0.71 -21.91
N PHE B 128 -7.82 -0.26 -22.47
CA PHE B 128 -9.03 -0.12 -21.69
C PHE B 128 -10.21 -0.88 -22.30
N PRO B 129 -10.25 -2.20 -22.12
CA PRO B 129 -11.33 -3.05 -22.65
C PRO B 129 -12.55 -3.07 -21.72
N LEU B 130 -13.50 -2.16 -21.94
CA LEU B 130 -14.71 -2.10 -21.11
C LEU B 130 -15.79 -3.08 -21.60
N GLU B 131 -15.38 -4.20 -22.19
CA GLU B 131 -16.35 -5.18 -22.67
C GLU B 131 -16.06 -6.58 -22.11
N THR C 1 2.82 7.71 13.66
CA THR C 1 2.14 6.96 14.75
C THR C 1 2.43 5.47 14.62
N MET C 2 2.40 4.78 15.77
CA MET C 2 2.63 3.34 15.81
C MET C 2 1.43 2.66 15.18
N GLU C 3 0.31 3.35 15.20
CA GLU C 3 -0.94 2.85 14.65
C GLU C 3 -0.91 2.81 13.13
N ASN C 4 -0.25 3.79 12.53
CA ASN C 4 -0.14 3.83 11.08
C ASN C 4 0.78 2.70 10.63
N LEU C 5 1.91 2.56 11.30
CA LEU C 5 2.87 1.52 10.98
C LEU C 5 2.16 0.18 11.05
N SER C 6 1.26 0.07 12.03
CA SER C 6 0.50 -1.15 12.24
C SER C 6 -0.40 -1.46 11.04
N ARG C 7 -0.97 -0.43 10.43
CA ARG C 7 -1.84 -0.66 9.27
C ARG C 7 -1.00 -1.06 8.08
N ARG C 8 0.14 -0.39 7.92
CA ARG C 8 1.05 -0.66 6.82
C ARG C 8 1.65 -2.08 6.89
N LEU C 9 1.94 -2.54 8.10
CA LEU C 9 2.49 -3.87 8.31
C LEU C 9 1.43 -4.92 8.01
N LYS C 10 0.18 -4.61 8.33
CA LYS C 10 -0.92 -5.54 8.08
C LYS C 10 -1.19 -5.62 6.59
N VAL C 11 -1.11 -4.48 5.91
CA VAL C 11 -1.31 -4.43 4.48
C VAL C 11 -0.23 -5.26 3.80
N THR C 12 1.00 -5.07 4.26
CA THR C 12 2.15 -5.78 3.70
C THR C 12 2.06 -7.27 4.02
N GLY C 13 1.67 -7.60 5.25
CA GLY C 13 1.57 -8.99 5.64
C GLY C 13 0.51 -9.72 4.84
N ASP C 14 -0.62 -9.04 4.61
CA ASP C 14 -1.70 -9.64 3.85
C ASP C 14 -1.31 -9.82 2.38
N LEU C 15 -0.61 -8.83 1.83
CA LEU C 15 -0.17 -8.90 0.44
C LEU C 15 1.07 -9.78 0.30
N PHE C 16 1.72 -10.07 1.41
CA PHE C 16 2.92 -10.89 1.40
C PHE C 16 2.60 -12.32 1.00
N ASP C 17 1.59 -12.89 1.65
CA ASP C 17 1.18 -14.27 1.36
C ASP C 17 0.82 -14.42 -0.12
N ILE C 18 0.55 -13.30 -0.76
CA ILE C 18 0.19 -13.28 -2.17
C ILE C 18 1.41 -12.98 -3.04
N MET C 19 1.59 -11.70 -3.33
CA MET C 19 2.70 -11.18 -4.14
C MET C 19 4.07 -11.74 -3.77
N THR D 1 5.15 16.01 -3.31
CA THR D 1 3.90 15.29 -2.89
C THR D 1 3.19 14.74 -4.13
N MET D 2 3.40 15.37 -5.27
CA MET D 2 2.80 14.93 -6.52
C MET D 2 3.46 13.61 -6.92
N GLU D 3 4.76 13.51 -6.65
CA GLU D 3 5.52 12.32 -6.96
C GLU D 3 4.95 11.14 -6.19
N ASN D 4 4.69 11.37 -4.90
CA ASN D 4 4.13 10.34 -4.03
C ASN D 4 2.75 9.88 -4.43
N LEU D 5 1.90 10.79 -4.88
CA LEU D 5 0.56 10.43 -5.32
C LEU D 5 0.69 9.52 -6.54
N SER D 6 1.57 9.90 -7.45
CA SER D 6 1.81 9.15 -8.67
C SER D 6 2.27 7.73 -8.34
N ARG D 7 3.21 7.65 -7.40
CA ARG D 7 3.78 6.40 -6.94
C ARG D 7 2.72 5.50 -6.31
N ARG D 8 1.87 6.08 -5.47
CA ARG D 8 0.80 5.34 -4.82
C ARG D 8 -0.26 4.88 -5.80
N LEU D 9 -0.54 5.70 -6.80
CA LEU D 9 -1.53 5.33 -7.79
C LEU D 9 -1.00 4.17 -8.62
N LYS D 10 0.31 4.16 -8.86
CA LYS D 10 0.91 3.08 -9.63
C LYS D 10 0.84 1.78 -8.84
N VAL D 11 1.14 1.86 -7.54
CA VAL D 11 1.06 0.68 -6.70
C VAL D 11 -0.38 0.16 -6.73
N THR D 12 -1.31 1.05 -6.45
CA THR D 12 -2.73 0.70 -6.45
C THR D 12 -3.16 0.21 -7.82
N GLY D 13 -2.75 0.94 -8.85
CA GLY D 13 -3.09 0.54 -10.21
C GLY D 13 -2.56 -0.82 -10.62
N ASP D 14 -1.29 -1.09 -10.36
CA ASP D 14 -0.69 -2.38 -10.71
C ASP D 14 -1.30 -3.54 -9.94
N LEU D 15 -1.61 -3.31 -8.66
CA LEU D 15 -2.22 -4.34 -7.84
C LEU D 15 -3.68 -4.49 -8.19
N PHE D 16 -4.26 -3.44 -8.78
CA PHE D 16 -5.66 -3.44 -9.19
C PHE D 16 -5.97 -4.56 -10.17
N ASP D 17 -5.44 -4.44 -11.38
CA ASP D 17 -5.67 -5.43 -12.45
C ASP D 17 -5.96 -6.83 -11.92
N ILE D 18 -4.94 -7.50 -11.39
CA ILE D 18 -5.11 -8.84 -10.85
C ILE D 18 -5.59 -8.73 -9.41
N MET D 19 -6.87 -8.38 -9.25
CA MET D 19 -7.48 -8.24 -7.93
C MET D 19 -8.96 -7.84 -8.04
#